data_5R5M
#
_entry.id   5R5M
#
_cell.length_a   49.450
_cell.length_b   52.320
_cell.length_c   101.410
_cell.angle_alpha   90.000
_cell.angle_beta   90.000
_cell.angle_gamma   90.000
#
_symmetry.space_group_name_H-M   'P 21 21 21'
#
loop_
_entity.id
_entity.type
_entity.pdbx_description
1 polymer 'Uridine diphosphate glucose pyrophosphatase NUDT22'
2 non-polymer '(1-methylpiperidin-4-yl) 3-fluoranylbenzoate'
3 non-polymer 'DIMETHYL SULFOXIDE'
4 water water
#
_entity_poly.entity_id   1
_entity_poly.type   'polypeptide(L)'
_entity_poly.pdbx_seq_one_letter_code
;SMDPEVTLLLQCPGGGLPQEQIQAELSPAHDRRPLPGGDEAITAIWETRLKAQPWLFDAPKFRLHSATLAPIGSRGPQLL
LRLGLTSYRDFLGTNWSSSAAWLRQQGATDWGDTQAYLADPLGVGAALATADDFLVFLRRSRQVAEAPGLVDVPGGHPEP
QALCPGGSPQHQDLAGQLVVHELFSSVLQEICDEVNLPLLTLSQPLLLGIARNETSAGRASAEFYVQCSLTSEQVRKHYL
SGGPEAHESTGIFFVETQNVRRLPETEMWAELCPSAKGAIILYNRVQGSPTGAALGSPALLPPL
;
_entity_poly.pdbx_strand_id   A
#
loop_
_chem_comp.id
_chem_comp.type
_chem_comp.name
_chem_comp.formula
DMS non-polymer 'DIMETHYL SULFOXIDE' 'C2 H6 O S'
S2V non-polymer '(1-methylpiperidin-4-yl) 3-fluoranylbenzoate' 'C13 H16 F N O2'
#
# COMPACT_ATOMS: atom_id res chain seq x y z
N ASP A 3 17.67 0.50 2.91
N ASP A 3 17.19 -0.39 2.56
CA ASP A 3 16.36 1.15 3.16
CA ASP A 3 16.55 0.83 3.14
C ASP A 3 15.70 0.51 4.37
C ASP A 3 15.75 0.43 4.37
N PRO A 4 16.16 0.82 5.60
CA PRO A 4 15.63 0.20 6.81
C PRO A 4 14.15 0.50 7.04
N GLU A 5 13.55 1.53 6.42
CA GLU A 5 12.15 1.85 6.78
C GLU A 5 11.16 1.07 5.91
N VAL A 6 11.63 0.27 4.95
CA VAL A 6 10.73 -0.65 4.18
C VAL A 6 11.33 -2.06 4.06
N THR A 7 10.51 -3.09 4.32
CA THR A 7 10.86 -4.52 4.14
C THR A 7 9.81 -5.18 3.22
N LEU A 8 10.23 -6.06 2.31
CA LEU A 8 9.28 -6.75 1.38
C LEU A 8 8.73 -7.99 2.08
N LEU A 9 7.41 -8.10 2.24
CA LEU A 9 6.80 -9.37 2.74
C LEU A 9 6.55 -10.34 1.57
N LEU A 10 6.27 -9.84 0.37
CA LEU A 10 5.85 -10.67 -0.78
C LEU A 10 6.32 -9.99 -2.07
N GLN A 11 6.96 -10.75 -2.97
CA GLN A 11 7.22 -10.40 -4.40
C GLN A 11 6.40 -11.38 -5.28
N CYS A 12 5.42 -10.90 -6.04
CA CYS A 12 4.57 -11.76 -6.90
C CYS A 12 5.31 -12.26 -8.12
N PRO A 13 4.98 -13.48 -8.58
CA PRO A 13 5.53 -14.03 -9.82
C PRO A 13 4.75 -13.59 -11.07
N GLY A 14 5.30 -13.91 -12.23
CA GLY A 14 4.60 -13.80 -13.53
C GLY A 14 4.41 -12.36 -13.94
N GLY A 15 5.17 -11.41 -13.36
CA GLY A 15 4.99 -9.97 -13.64
C GLY A 15 3.82 -9.37 -12.86
N GLY A 16 3.25 -10.12 -11.92
CA GLY A 16 2.18 -9.65 -11.02
C GLY A 16 0.93 -10.49 -11.18
N LEU A 17 0.14 -10.60 -10.11
CA LEU A 17 -1.07 -11.49 -10.12
C LEU A 17 -2.37 -10.73 -10.38
N PRO A 18 -3.24 -11.24 -11.29
CA PRO A 18 -4.60 -10.71 -11.43
C PRO A 18 -5.51 -11.20 -10.30
N GLN A 19 -6.66 -10.54 -10.16
CA GLN A 19 -7.70 -10.82 -9.14
C GLN A 19 -8.04 -12.32 -9.08
N GLU A 20 -8.14 -12.98 -10.24
CA GLU A 20 -8.74 -14.34 -10.33
C GLU A 20 -7.75 -15.39 -9.83
N GLN A 21 -6.49 -15.02 -9.60
CA GLN A 21 -5.44 -15.93 -9.08
C GLN A 21 -5.23 -15.76 -7.57
N ILE A 22 -6.05 -14.98 -6.85
CA ILE A 22 -5.82 -14.70 -5.40
C ILE A 22 -7.05 -15.16 -4.60
N GLN A 23 -6.78 -15.92 -3.54
CA GLN A 23 -7.77 -16.35 -2.51
C GLN A 23 -7.59 -15.51 -1.23
N ALA A 24 -8.67 -15.16 -0.53
CA ALA A 24 -8.53 -14.58 0.82
C ALA A 24 -9.20 -15.51 1.84
N GLU A 25 -8.65 -15.58 3.04
CA GLU A 25 -9.28 -16.21 4.23
C GLU A 25 -9.47 -15.10 5.27
N LEU A 26 -10.71 -14.65 5.44
CA LEU A 26 -11.10 -13.60 6.41
C LEU A 26 -11.64 -14.29 7.65
N SER A 27 -10.91 -14.22 8.76
CA SER A 27 -11.18 -15.06 9.97
C SER A 27 -10.81 -14.28 11.23
N PRO A 28 -11.62 -14.38 12.32
CA PRO A 28 -11.23 -13.78 13.60
C PRO A 28 -9.98 -14.39 14.22
N ALA A 29 -9.50 -15.55 13.73
CA ALA A 29 -8.17 -16.09 14.10
C ALA A 29 -7.02 -15.18 13.62
N HIS A 30 -7.29 -14.25 12.67
CA HIS A 30 -6.29 -13.36 12.05
C HIS A 30 -6.35 -11.95 12.68
N ASP A 31 -7.12 -11.79 13.76
CA ASP A 31 -7.29 -10.48 14.45
C ASP A 31 -6.08 -10.20 15.34
N ARG A 32 -5.91 -8.94 15.71
CA ARG A 32 -5.01 -8.49 16.80
C ARG A 32 -5.40 -9.24 18.10
N ARG A 33 -4.42 -9.60 18.91
CA ARG A 33 -4.62 -10.16 20.28
C ARG A 33 -4.94 -9.01 21.24
N PRO A 34 -5.84 -9.20 22.24
CA PRO A 34 -6.07 -8.19 23.28
C PRO A 34 -4.73 -7.78 23.92
N LEU A 35 -4.54 -6.50 24.27
CA LEU A 35 -3.26 -6.01 24.87
C LEU A 35 -3.06 -6.65 26.24
N PRO A 36 -1.81 -6.86 26.69
CA PRO A 36 -1.55 -7.54 27.96
C PRO A 36 -2.32 -6.95 29.17
N GLY A 37 -2.40 -5.61 29.25
CA GLY A 37 -3.03 -4.88 30.38
C GLY A 37 -4.48 -4.51 30.05
N GLY A 38 -4.99 -5.00 28.92
CA GLY A 38 -6.38 -4.77 28.48
C GLY A 38 -6.40 -3.71 27.38
N ASP A 39 -7.45 -3.75 26.54
CA ASP A 39 -7.68 -2.76 25.43
C ASP A 39 -8.15 -1.40 25.98
N GLU A 40 -8.27 -1.24 27.31
CA GLU A 40 -8.52 0.08 27.95
C GLU A 40 -7.47 1.13 27.57
N ALA A 41 -6.21 0.75 27.32
CA ALA A 41 -5.18 1.68 26.88
C ALA A 41 -5.54 2.31 25.52
N ILE A 42 -6.21 1.55 24.64
CA ILE A 42 -6.61 2.02 23.28
C ILE A 42 -7.78 3.01 23.44
N THR A 43 -8.75 2.63 24.25
CA THR A 43 -9.95 3.44 24.59
C THR A 43 -9.49 4.79 25.16
N ALA A 44 -8.51 4.80 26.07
CA ALA A 44 -7.99 6.04 26.71
C ALA A 44 -7.40 6.99 25.64
N ILE A 45 -6.53 6.48 24.75
CA ILE A 45 -5.88 7.30 23.68
C ILE A 45 -6.99 7.91 22.79
N TRP A 46 -8.03 7.13 22.48
CA TRP A 46 -9.14 7.55 21.57
C TRP A 46 -9.95 8.68 22.24
N GLU A 47 -10.28 8.51 23.53
CA GLU A 47 -11.04 9.54 24.29
C GLU A 47 -10.29 10.85 24.29
N THR A 48 -8.97 10.81 24.54
CA THR A 48 -8.11 12.00 24.56
C THR A 48 -8.19 12.70 23.20
N ARG A 49 -8.12 11.90 22.12
CA ARG A 49 -8.10 12.42 20.74
C ARG A 49 -9.46 13.07 20.42
N LEU A 50 -10.57 12.38 20.67
CA LEU A 50 -11.92 12.95 20.39
C LEU A 50 -12.18 14.20 21.22
N LYS A 51 -11.63 14.29 22.44
CA LYS A 51 -11.91 15.50 23.27
C LYS A 51 -11.13 16.72 22.72
N ALA A 52 -10.17 16.52 21.81
CA ALA A 52 -9.43 17.61 21.11
C ALA A 52 -10.01 17.81 19.71
N GLN A 53 -10.41 16.73 19.03
CA GLN A 53 -10.90 16.76 17.62
C GLN A 53 -12.21 15.98 17.56
N PRO A 54 -13.32 16.53 18.08
CA PRO A 54 -14.58 15.78 18.19
C PRO A 54 -15.26 15.45 16.85
N TRP A 55 -14.77 15.99 15.73
CA TRP A 55 -15.27 15.66 14.36
C TRP A 55 -14.62 14.37 13.81
N LEU A 56 -13.61 13.79 14.47
CA LEU A 56 -13.02 12.49 14.04
C LEU A 56 -14.05 11.36 14.19
N PHE A 57 -13.98 10.36 13.33
CA PHE A 57 -14.82 9.13 13.45
C PHE A 57 -13.93 7.89 13.24
N ASP A 58 -14.41 6.76 13.77
CA ASP A 58 -13.74 5.44 13.61
C ASP A 58 -14.21 4.88 12.25
N ALA A 59 -13.50 3.90 11.72
CA ALA A 59 -13.93 3.12 10.53
C ALA A 59 -13.27 1.75 10.64
N PRO A 60 -13.95 0.69 10.19
CA PRO A 60 -13.32 -0.63 10.13
C PRO A 60 -12.28 -0.66 9.00
N LYS A 61 -11.30 -1.57 9.15
CA LYS A 61 -10.19 -1.76 8.21
C LYS A 61 -9.88 -3.27 8.12
N PHE A 62 -9.24 -3.70 7.02
CA PHE A 62 -8.71 -5.09 6.93
C PHE A 62 -7.38 -5.13 7.72
N ARG A 63 -7.13 -6.21 8.46
CA ARG A 63 -5.83 -6.53 9.09
C ARG A 63 -5.11 -7.58 8.24
N LEU A 64 -3.85 -7.35 7.88
CA LEU A 64 -2.98 -8.39 7.29
C LEU A 64 -2.37 -9.25 8.40
N HIS A 65 -2.68 -10.55 8.41
CA HIS A 65 -1.98 -11.55 9.26
C HIS A 65 -0.75 -12.11 8.54
N SER A 66 -0.93 -12.58 7.29
CA SER A 66 0.12 -13.25 6.49
C SER A 66 -0.35 -13.49 5.06
N ALA A 67 0.58 -13.81 4.16
CA ALA A 67 0.35 -13.99 2.71
C ALA A 67 1.25 -15.12 2.22
N THR A 68 0.66 -16.26 1.80
CA THR A 68 1.43 -17.47 1.39
C THR A 68 1.34 -17.66 -0.13
N LEU A 69 2.48 -17.64 -0.82
CA LEU A 69 2.53 -17.89 -2.29
C LEU A 69 2.62 -19.42 -2.56
N ALA A 70 1.89 -19.89 -3.58
CA ALA A 70 1.96 -21.28 -4.11
C ALA A 70 3.36 -21.57 -4.65
N PRO A 71 3.75 -22.85 -4.83
CA PRO A 71 4.97 -23.20 -5.57
C PRO A 71 4.94 -22.54 -6.96
N ILE A 72 6.04 -21.91 -7.37
CA ILE A 72 6.06 -21.17 -8.66
C ILE A 72 5.80 -22.16 -9.81
N GLY A 73 5.13 -21.67 -10.85
CA GLY A 73 4.81 -22.45 -12.06
C GLY A 73 3.58 -23.31 -11.89
N SER A 74 2.89 -23.28 -10.74
CA SER A 74 1.75 -24.17 -10.43
C SER A 74 0.45 -23.65 -11.08
N ARG A 75 -0.52 -24.56 -11.18
CA ARG A 75 -1.92 -24.31 -11.65
C ARG A 75 -2.74 -23.94 -10.42
N GLY A 76 -3.92 -23.37 -10.64
CA GLY A 76 -4.82 -23.00 -9.55
C GLY A 76 -4.36 -21.73 -8.85
N PRO A 77 -5.04 -21.36 -7.73
CA PRO A 77 -4.79 -20.11 -7.02
C PRO A 77 -3.31 -19.99 -6.61
N GLN A 78 -2.75 -18.81 -6.83
CA GLN A 78 -1.29 -18.59 -6.69
C GLN A 78 -0.95 -17.92 -5.35
N LEU A 79 -1.91 -17.30 -4.68
CA LEU A 79 -1.64 -16.57 -3.41
C LEU A 79 -2.82 -16.80 -2.45
N LEU A 80 -2.53 -17.02 -1.18
CA LEU A 80 -3.53 -16.99 -0.08
C LEU A 80 -3.23 -15.80 0.85
N LEU A 81 -4.14 -14.85 0.93
CA LEU A 81 -4.10 -13.72 1.91
C LEU A 81 -4.91 -14.14 3.16
N ARG A 82 -4.25 -14.18 4.30
CA ARG A 82 -4.91 -14.37 5.61
C ARG A 82 -5.23 -12.99 6.23
N LEU A 83 -6.52 -12.67 6.38
CA LEU A 83 -6.95 -11.31 6.81
C LEU A 83 -7.84 -11.42 8.05
N GLY A 84 -7.74 -10.44 8.93
CA GLY A 84 -8.71 -10.23 10.00
C GLY A 84 -9.29 -8.84 9.92
N LEU A 85 -9.93 -8.38 10.97
CA LEU A 85 -10.55 -7.03 10.94
C LEU A 85 -9.90 -6.20 12.04
N THR A 86 -9.72 -4.91 11.78
CA THR A 86 -9.21 -3.90 12.75
C THR A 86 -9.97 -2.59 12.52
N SER A 87 -9.44 -1.47 12.98
CA SER A 87 -10.10 -0.15 12.92
C SER A 87 -9.07 0.96 12.95
N TYR A 88 -9.49 2.16 12.54
CA TYR A 88 -8.69 3.41 12.66
C TYR A 88 -8.37 3.64 14.14
N ARG A 89 -9.35 3.42 15.02
CA ARG A 89 -9.16 3.60 16.52
C ARG A 89 -8.04 2.67 17.04
N ASP A 90 -8.08 1.38 16.65
CA ASP A 90 -7.07 0.39 17.10
C ASP A 90 -5.69 0.77 16.52
N PHE A 91 -5.65 1.22 15.26
CA PHE A 91 -4.39 1.77 14.67
C PHE A 91 -3.82 2.89 15.57
N LEU A 92 -4.62 3.89 15.95
CA LEU A 92 -4.09 5.07 16.67
C LEU A 92 -3.55 4.65 18.05
N GLY A 93 -4.16 3.64 18.66
CA GLY A 93 -3.76 3.16 20.01
C GLY A 93 -2.65 2.11 19.97
N THR A 94 -2.18 1.66 18.80
CA THR A 94 -1.13 0.59 18.69
C THR A 94 0.03 1.03 17.79
N ASN A 95 -0.05 0.85 16.46
CA ASN A 95 1.00 1.24 15.48
C ASN A 95 1.47 2.69 15.69
N TRP A 96 0.54 3.62 15.93
CA TRP A 96 0.83 5.08 16.01
C TRP A 96 1.23 5.50 17.43
N SER A 97 0.99 4.64 18.43
CA SER A 97 1.38 4.89 19.86
C SER A 97 2.89 5.13 20.02
N SER A 98 3.26 5.95 21.01
CA SER A 98 4.70 6.17 21.34
C SER A 98 5.34 4.86 21.80
N SER A 99 4.53 3.95 22.36
N SER A 99 4.55 3.95 22.40
CA SER A 99 4.99 2.67 22.97
CA SER A 99 5.07 2.66 22.96
C SER A 99 4.96 1.51 21.96
C SER A 99 4.97 1.51 21.96
N ALA A 100 4.77 1.80 20.66
CA ALA A 100 4.60 0.74 19.62
C ALA A 100 5.77 -0.27 19.67
N ALA A 101 7.02 0.16 19.93
CA ALA A 101 8.15 -0.79 19.97
C ALA A 101 8.02 -1.73 21.18
N TRP A 102 7.47 -1.26 22.30
CA TRP A 102 7.27 -2.09 23.51
C TRP A 102 6.22 -3.17 23.20
N LEU A 103 5.17 -2.82 22.46
CA LEU A 103 4.11 -3.78 22.03
C LEU A 103 4.71 -4.85 21.13
N ARG A 104 5.65 -4.50 20.23
CA ARG A 104 6.32 -5.48 19.33
C ARG A 104 7.14 -6.48 20.15
N GLN A 105 7.89 -5.97 21.14
CA GLN A 105 8.74 -6.83 22.03
C GLN A 105 7.85 -7.80 22.83
N GLN A 106 6.73 -7.30 23.38
N GLN A 106 6.74 -7.29 23.37
CA GLN A 106 5.80 -8.15 24.19
CA GLN A 106 5.76 -8.07 24.19
C GLN A 106 5.14 -9.19 23.30
C GLN A 106 5.12 -9.15 23.31
N GLY A 107 4.83 -8.85 22.03
CA GLY A 107 4.28 -9.84 21.09
C GLY A 107 5.30 -10.95 20.76
N ALA A 108 6.57 -10.61 20.59
CA ALA A 108 7.64 -11.61 20.45
C ALA A 108 7.66 -12.55 21.68
N THR A 109 7.64 -11.99 22.89
CA THR A 109 7.68 -12.73 24.19
C THR A 109 6.46 -13.65 24.30
N ASP A 110 5.26 -13.11 24.16
CA ASP A 110 4.01 -13.81 24.52
C ASP A 110 3.56 -14.77 23.41
N TRP A 111 3.66 -14.41 22.12
CA TRP A 111 3.06 -15.13 20.97
C TRP A 111 4.12 -15.56 19.94
N GLY A 112 5.40 -15.27 20.13
CA GLY A 112 6.40 -15.47 19.04
C GLY A 112 6.01 -14.75 17.76
N ASP A 113 5.51 -13.52 17.88
CA ASP A 113 4.97 -12.73 16.73
C ASP A 113 5.04 -11.23 17.08
N THR A 114 6.00 -10.51 16.48
CA THR A 114 6.24 -9.06 16.73
C THR A 114 4.94 -8.25 16.46
N GLN A 115 4.01 -8.76 15.64
CA GLN A 115 2.80 -7.98 15.23
C GLN A 115 1.55 -8.36 16.06
N ALA A 116 1.62 -9.28 17.03
CA ALA A 116 0.40 -9.88 17.61
C ALA A 116 -0.47 -8.81 18.30
N TYR A 117 0.14 -7.77 18.88
CA TYR A 117 -0.54 -6.68 19.63
C TYR A 117 -0.73 -5.42 18.77
N LEU A 118 -0.51 -5.52 17.45
CA LEU A 118 -0.61 -4.35 16.53
C LEU A 118 -1.86 -4.47 15.64
N ALA A 119 -2.55 -3.34 15.44
CA ALA A 119 -3.71 -3.24 14.51
C ALA A 119 -3.31 -3.71 13.10
N ASP A 120 -2.19 -3.23 12.56
CA ASP A 120 -1.66 -3.59 11.22
C ASP A 120 -2.76 -3.49 10.15
N PRO A 121 -3.45 -2.34 10.00
CA PRO A 121 -4.40 -2.14 8.87
C PRO A 121 -3.71 -2.29 7.50
N LEU A 122 -4.37 -2.96 6.58
CA LEU A 122 -3.82 -3.19 5.21
C LEU A 122 -4.06 -1.94 4.34
N GLY A 123 -2.97 -1.34 3.84
CA GLY A 123 -3.07 -0.28 2.82
C GLY A 123 -3.03 -0.82 1.41
N VAL A 124 -3.41 0.01 0.42
CA VAL A 124 -3.22 -0.27 -1.03
C VAL A 124 -2.49 0.93 -1.67
N GLY A 125 -1.57 0.66 -2.59
CA GLY A 125 -0.90 1.72 -3.35
C GLY A 125 -0.72 1.31 -4.79
N ALA A 126 -0.53 2.25 -5.71
CA ALA A 126 -0.35 1.91 -7.14
C ALA A 126 0.89 2.58 -7.73
N ALA A 127 1.66 1.79 -8.47
CA ALA A 127 2.51 2.27 -9.59
C ALA A 127 1.59 2.46 -10.79
N LEU A 128 1.26 3.73 -11.04
CA LEU A 128 0.28 4.11 -12.10
C LEU A 128 1.06 4.65 -13.29
N ALA A 129 1.03 3.98 -14.44
CA ALA A 129 1.85 4.32 -15.63
C ALA A 129 0.94 5.00 -16.66
N THR A 130 1.43 6.05 -17.30
CA THR A 130 0.72 6.80 -18.37
C THR A 130 0.98 6.16 -19.75
N ALA A 131 0.22 6.59 -20.77
CA ALA A 131 0.31 6.11 -22.17
C ALA A 131 1.71 6.46 -22.72
N ASP A 132 2.33 7.55 -22.25
CA ASP A 132 3.67 8.04 -22.70
C ASP A 132 4.82 7.59 -21.78
N ASP A 133 4.57 6.57 -20.95
N ASP A 133 4.56 6.62 -20.89
CA ASP A 133 5.56 5.81 -20.14
CA ASP A 133 5.59 5.83 -20.16
C ASP A 133 6.17 6.69 -19.03
C ASP A 133 6.17 6.60 -18.97
N PHE A 134 5.30 7.27 -18.19
CA PHE A 134 5.72 7.91 -16.91
C PHE A 134 4.97 7.21 -15.77
N LEU A 135 5.57 7.20 -14.57
CA LEU A 135 4.81 6.93 -13.33
C LEU A 135 4.37 8.24 -12.65
N VAL A 136 3.21 8.17 -11.96
CA VAL A 136 2.51 9.30 -11.31
C VAL A 136 2.88 9.41 -9.82
N PHE A 137 3.27 10.61 -9.36
CA PHE A 137 3.63 10.93 -7.95
C PHE A 137 2.77 12.10 -7.45
N LEU A 138 2.48 12.11 -6.16
CA LEU A 138 1.66 13.14 -5.46
C LEU A 138 2.45 13.72 -4.29
N ARG A 139 2.30 15.02 -4.03
CA ARG A 139 3.05 15.70 -2.94
C ARG A 139 2.11 15.78 -1.74
N ARG A 140 2.51 15.33 -0.56
CA ARG A 140 1.66 15.42 0.66
C ARG A 140 1.74 16.85 1.24
N SER A 141 0.61 17.35 1.72
CA SER A 141 0.52 18.61 2.50
C SER A 141 1.54 18.59 3.63
N ARG A 142 2.14 19.74 3.94
CA ARG A 142 3.11 19.91 5.05
C ARG A 142 2.38 19.96 6.41
N GLN A 143 1.04 19.87 6.45
CA GLN A 143 0.21 20.11 7.66
C GLN A 143 -0.35 18.81 8.26
N VAL A 144 -0.34 17.70 7.52
CA VAL A 144 -0.97 16.43 8.00
C VAL A 144 -0.03 15.74 9.00
N ALA A 145 -0.54 14.74 9.72
CA ALA A 145 0.14 14.07 10.84
C ALA A 145 1.20 13.09 10.33
N GLU A 146 0.85 12.33 9.29
CA GLU A 146 1.66 11.22 8.73
C GLU A 146 2.49 11.73 7.55
N ALA A 147 3.81 11.59 7.64
CA ALA A 147 4.76 11.82 6.53
C ALA A 147 4.50 13.18 5.90
N PRO A 148 4.47 14.28 6.68
CA PRO A 148 4.21 15.59 6.10
C PRO A 148 5.26 16.06 5.08
N GLY A 149 4.76 16.64 4.01
CA GLY A 149 5.58 17.24 2.96
C GLY A 149 6.27 16.20 2.08
N LEU A 150 6.00 14.89 2.28
CA LEU A 150 6.75 13.87 1.53
C LEU A 150 6.00 13.51 0.23
N VAL A 151 6.69 12.80 -0.66
CA VAL A 151 6.11 12.31 -1.94
C VAL A 151 5.38 10.99 -1.70
N ASP A 152 4.19 10.83 -2.25
CA ASP A 152 3.45 9.56 -2.19
C ASP A 152 3.09 9.07 -3.59
N VAL A 153 2.47 7.87 -3.66
CA VAL A 153 1.82 7.38 -4.91
C VAL A 153 0.33 7.31 -4.59
N PRO A 154 -0.58 7.17 -5.59
CA PRO A 154 -2.01 7.02 -5.27
C PRO A 154 -2.32 5.81 -4.36
N GLY A 155 -3.29 5.94 -3.46
CA GLY A 155 -3.69 4.78 -2.65
C GLY A 155 -4.49 5.18 -1.44
N GLY A 156 -4.69 4.26 -0.49
CA GLY A 156 -5.49 4.54 0.71
C GLY A 156 -5.63 3.28 1.54
N HIS A 157 -6.56 3.24 2.49
CA HIS A 157 -6.74 2.09 3.43
C HIS A 157 -8.19 1.64 3.30
N PRO A 158 -8.50 0.57 2.52
CA PRO A 158 -9.90 0.21 2.23
C PRO A 158 -10.71 -0.29 3.43
N GLU A 159 -12.03 -0.16 3.32
CA GLU A 159 -13.00 -0.40 4.42
C GLU A 159 -13.92 -1.57 4.05
N PRO A 160 -13.98 -2.62 4.89
CA PRO A 160 -14.91 -3.73 4.69
C PRO A 160 -16.40 -3.37 4.45
N GLN A 161 -17.04 -4.03 3.47
CA GLN A 161 -18.39 -3.72 2.89
C GLN A 161 -18.59 -2.20 2.83
N ASP A 173 -13.32 -19.94 0.34
CA ASP A 173 -13.02 -18.63 -0.27
C ASP A 173 -14.33 -17.91 -0.63
N LEU A 174 -15.43 -18.19 0.08
CA LEU A 174 -16.78 -17.76 -0.38
C LEU A 174 -17.00 -16.28 -0.04
N ALA A 175 -16.91 -15.88 1.23
CA ALA A 175 -16.73 -14.44 1.58
C ALA A 175 -15.36 -13.93 1.06
N GLY A 176 -14.36 -14.82 0.89
CA GLY A 176 -13.01 -14.54 0.36
C GLY A 176 -13.01 -13.78 -0.97
N GLN A 177 -13.79 -14.22 -1.95
CA GLN A 177 -13.71 -13.67 -3.33
C GLN A 177 -14.27 -12.24 -3.34
N LEU A 178 -15.23 -11.95 -2.45
CA LEU A 178 -15.76 -10.58 -2.30
C LEU A 178 -14.67 -9.70 -1.70
N VAL A 179 -13.89 -10.22 -0.74
CA VAL A 179 -12.82 -9.41 -0.11
C VAL A 179 -11.76 -9.08 -1.17
N VAL A 180 -11.31 -10.05 -1.95
CA VAL A 180 -10.27 -9.81 -3.01
C VAL A 180 -10.83 -8.76 -4.00
N HIS A 181 -12.11 -8.88 -4.37
CA HIS A 181 -12.75 -7.90 -5.28
C HIS A 181 -12.72 -6.48 -4.68
N GLU A 182 -12.97 -6.32 -3.38
N GLU A 182 -12.95 -6.37 -3.38
CA GLU A 182 -12.98 -4.97 -2.73
CA GLU A 182 -12.97 -5.10 -2.61
C GLU A 182 -11.54 -4.43 -2.73
C GLU A 182 -11.58 -4.45 -2.66
N LEU A 183 -10.53 -5.27 -2.49
CA LEU A 183 -9.11 -4.79 -2.53
C LEU A 183 -8.76 -4.23 -3.93
N PHE A 184 -8.97 -4.98 -5.01
CA PHE A 184 -8.70 -4.53 -6.40
C PHE A 184 -9.55 -3.28 -6.77
N SER A 185 -10.86 -3.33 -6.50
N SER A 185 -10.85 -3.28 -6.47
CA SER A 185 -11.78 -2.18 -6.72
CA SER A 185 -11.75 -2.14 -6.80
C SER A 185 -11.24 -0.91 -6.05
C SER A 185 -11.36 -0.87 -6.00
N SER A 186 -10.84 -1.01 -4.78
CA SER A 186 -10.46 0.15 -3.94
C SER A 186 -9.22 0.85 -4.48
N VAL A 187 -8.27 0.15 -5.10
CA VAL A 187 -7.06 0.86 -5.64
C VAL A 187 -7.51 1.72 -6.86
N LEU A 188 -8.47 1.23 -7.67
CA LEU A 188 -9.03 2.02 -8.80
C LEU A 188 -9.83 3.21 -8.26
N GLN A 189 -10.67 2.98 -7.25
CA GLN A 189 -11.49 4.06 -6.65
C GLN A 189 -10.55 5.14 -6.10
N GLU A 190 -9.45 4.80 -5.42
CA GLU A 190 -8.49 5.79 -4.85
C GLU A 190 -7.86 6.62 -5.98
N ILE A 191 -7.53 5.99 -7.11
CA ILE A 191 -7.02 6.72 -8.32
C ILE A 191 -8.11 7.67 -8.83
N CYS A 192 -9.34 7.20 -9.05
CA CYS A 192 -10.43 8.11 -9.51
C CYS A 192 -10.67 9.25 -8.51
N ASP A 193 -10.68 8.99 -7.20
CA ASP A 193 -11.01 10.04 -6.19
C ASP A 193 -9.90 11.08 -6.07
N GLU A 194 -8.63 10.67 -6.07
CA GLU A 194 -7.52 11.61 -5.81
C GLU A 194 -6.97 12.20 -7.12
N VAL A 195 -6.84 11.42 -8.21
CA VAL A 195 -6.19 11.90 -9.47
C VAL A 195 -7.30 12.45 -10.37
N ASN A 196 -8.57 12.11 -10.10
CA ASN A 196 -9.71 12.67 -10.86
C ASN A 196 -9.71 12.10 -12.30
N LEU A 197 -9.28 10.84 -12.47
CA LEU A 197 -9.26 10.15 -13.77
C LEU A 197 -10.58 9.40 -13.96
N PRO A 198 -11.08 9.28 -15.22
CA PRO A 198 -12.24 8.44 -15.49
C PRO A 198 -11.84 6.96 -15.29
N LEU A 199 -12.74 6.19 -14.70
CA LEU A 199 -12.53 4.74 -14.43
C LEU A 199 -12.20 4.01 -15.72
N LEU A 200 -12.80 4.41 -16.86
CA LEU A 200 -12.63 3.70 -18.15
C LEU A 200 -11.27 3.95 -18.78
N THR A 201 -10.41 4.81 -18.23
CA THR A 201 -9.04 5.02 -18.76
C THR A 201 -8.05 4.08 -18.04
N LEU A 202 -8.51 3.33 -17.03
CA LEU A 202 -7.65 2.45 -16.16
C LEU A 202 -7.79 0.96 -16.53
N SER A 203 -6.68 0.23 -16.58
CA SER A 203 -6.57 -1.23 -16.72
C SER A 203 -7.01 -1.91 -15.41
N GLN A 204 -7.40 -3.19 -15.48
CA GLN A 204 -7.55 -4.00 -14.24
C GLN A 204 -6.17 -4.04 -13.55
N PRO A 205 -6.10 -3.90 -12.22
CA PRO A 205 -4.79 -3.91 -11.53
C PRO A 205 -4.13 -5.30 -11.52
N LEU A 206 -2.80 -5.33 -11.45
CA LEU A 206 -2.03 -6.55 -11.10
C LEU A 206 -1.41 -6.33 -9.72
N LEU A 207 -1.50 -7.31 -8.82
CA LEU A 207 -0.79 -7.22 -7.52
C LEU A 207 0.72 -7.46 -7.76
N LEU A 208 1.58 -6.50 -7.41
CA LEU A 208 3.07 -6.68 -7.52
C LEU A 208 3.65 -7.35 -6.28
N GLY A 209 3.13 -7.04 -5.09
CA GLY A 209 3.63 -7.62 -3.83
C GLY A 209 3.10 -6.87 -2.63
N ILE A 210 3.72 -7.09 -1.47
CA ILE A 210 3.34 -6.47 -0.18
C ILE A 210 4.62 -5.94 0.47
N ALA A 211 4.57 -4.69 0.92
CA ALA A 211 5.70 -3.98 1.58
C ALA A 211 5.26 -3.58 2.98
N ARG A 212 6.20 -3.60 3.93
CA ARG A 212 5.97 -3.18 5.33
C ARG A 212 6.71 -1.86 5.62
N ASN A 213 6.05 -0.96 6.33
CA ASN A 213 6.50 0.37 6.81
C ASN A 213 7.05 0.19 8.23
N GLU A 214 8.35 0.02 8.38
CA GLU A 214 9.04 -0.12 9.70
C GLU A 214 8.93 1.18 10.53
N THR A 215 8.69 2.35 9.94
CA THR A 215 8.52 3.62 10.70
C THR A 215 7.14 3.66 11.36
N SER A 216 6.22 2.81 10.92
CA SER A 216 4.85 2.69 11.47
C SER A 216 4.65 1.28 12.08
N ALA A 217 5.68 0.76 12.76
CA ALA A 217 5.67 -0.51 13.55
C ALA A 217 5.31 -1.70 12.67
N GLY A 218 5.57 -1.63 11.36
CA GLY A 218 5.51 -2.83 10.50
C GLY A 218 4.17 -2.97 9.77
N ARG A 219 3.32 -1.94 9.75
CA ARG A 219 2.03 -2.10 9.01
C ARG A 219 2.29 -2.16 7.48
N ALA A 220 1.48 -2.96 6.80
CA ALA A 220 1.78 -3.44 5.42
C ALA A 220 0.83 -2.78 4.42
N SER A 221 1.31 -2.63 3.19
CA SER A 221 0.51 -2.16 2.04
C SER A 221 0.67 -3.14 0.87
N ALA A 222 -0.45 -3.56 0.28
CA ALA A 222 -0.49 -4.22 -1.04
C ALA A 222 -0.17 -3.19 -2.13
N GLU A 223 0.82 -3.47 -3.00
CA GLU A 223 1.27 -2.56 -4.05
C GLU A 223 0.85 -3.14 -5.41
N PHE A 224 0.21 -2.34 -6.27
CA PHE A 224 -0.39 -2.79 -7.54
C PHE A 224 0.21 -2.02 -8.71
N TYR A 225 0.18 -2.60 -9.91
CA TYR A 225 0.49 -1.92 -11.18
C TYR A 225 -0.83 -1.64 -11.89
N VAL A 226 -1.05 -0.40 -12.32
CA VAL A 226 -2.21 0.02 -13.13
C VAL A 226 -1.71 0.84 -14.32
N GLN A 227 -2.26 0.57 -15.49
N GLN A 227 -2.22 0.55 -15.52
CA GLN A 227 -1.94 1.30 -16.75
CA GLN A 227 -1.90 1.31 -16.77
C GLN A 227 -3.09 2.24 -17.08
C GLN A 227 -3.07 2.23 -17.09
N CYS A 228 -2.76 3.46 -17.52
CA CYS A 228 -3.75 4.49 -17.90
C CYS A 228 -3.61 4.74 -19.40
N SER A 229 -4.71 4.93 -20.11
CA SER A 229 -4.69 5.20 -21.58
C SER A 229 -4.45 6.69 -21.88
N LEU A 230 -4.43 7.56 -20.87
CA LEU A 230 -4.10 9.00 -21.01
C LEU A 230 -2.57 9.20 -20.93
N THR A 231 -2.07 10.21 -21.64
CA THR A 231 -0.69 10.76 -21.49
C THR A 231 -0.52 11.52 -20.16
N SER A 232 0.72 11.75 -19.78
CA SER A 232 1.09 12.56 -18.59
C SER A 232 0.40 13.94 -18.67
N GLU A 233 0.41 14.59 -19.85
CA GLU A 233 -0.21 15.93 -19.96
C GLU A 233 -1.72 15.83 -19.70
N GLN A 234 -2.39 14.81 -20.23
CA GLN A 234 -3.87 14.61 -20.02
C GLN A 234 -4.16 14.27 -18.54
N VAL A 235 -3.34 13.42 -17.88
CA VAL A 235 -3.52 13.09 -16.44
C VAL A 235 -3.42 14.37 -15.58
N ARG A 236 -2.39 15.18 -15.81
CA ARG A 236 -2.18 16.51 -15.14
C ARG A 236 -3.43 17.38 -15.28
N LYS A 237 -4.01 17.46 -16.49
CA LYS A 237 -5.17 18.36 -16.75
C LYS A 237 -6.33 17.88 -15.88
N HIS A 238 -6.55 16.57 -15.81
CA HIS A 238 -7.69 15.97 -15.06
C HIS A 238 -7.50 16.26 -13.55
N TYR A 239 -6.29 16.03 -13.01
CA TYR A 239 -5.95 16.27 -11.60
C TYR A 239 -6.25 17.75 -11.27
N LEU A 240 -5.72 18.69 -12.07
CA LEU A 240 -5.80 20.16 -11.78
C LEU A 240 -7.24 20.67 -11.94
N SER A 241 -8.01 20.09 -12.87
CA SER A 241 -9.37 20.59 -13.23
C SER A 241 -10.36 20.33 -12.10
N GLY A 242 -9.97 19.52 -11.11
CA GLY A 242 -10.78 19.33 -9.88
C GLY A 242 -10.72 20.55 -8.97
N GLY A 243 -9.60 21.27 -8.99
CA GLY A 243 -9.37 22.43 -8.10
C GLY A 243 -8.83 21.99 -6.76
N PRO A 244 -8.41 22.94 -5.88
CA PRO A 244 -7.77 22.56 -4.62
C PRO A 244 -8.56 21.63 -3.69
N GLU A 245 -9.90 21.63 -3.75
CA GLU A 245 -10.79 20.82 -2.86
C GLU A 245 -11.07 19.43 -3.43
N ALA A 246 -10.66 19.13 -4.66
CA ALA A 246 -10.89 17.80 -5.27
C ALA A 246 -9.77 16.80 -4.89
N HIS A 247 -8.75 17.21 -4.15
CA HIS A 247 -7.63 16.29 -3.80
C HIS A 247 -7.04 16.68 -2.43
N GLU A 248 -6.51 15.68 -1.70
CA GLU A 248 -5.85 15.88 -0.39
C GLU A 248 -4.38 16.29 -0.62
N SER A 249 -3.76 15.81 -1.71
CA SER A 249 -2.36 16.15 -2.09
C SER A 249 -2.29 17.63 -2.53
N THR A 250 -1.09 18.21 -2.59
CA THR A 250 -0.88 19.65 -2.93
C THR A 250 -0.27 19.79 -4.32
N GLY A 251 0.02 18.69 -5.01
CA GLY A 251 0.64 18.75 -6.34
C GLY A 251 0.82 17.37 -6.92
N ILE A 252 0.98 17.30 -8.25
CA ILE A 252 1.20 16.06 -9.06
C ILE A 252 2.48 16.24 -9.89
N PHE A 253 3.22 15.16 -10.12
CA PHE A 253 4.39 15.17 -11.04
C PHE A 253 4.66 13.77 -11.57
N PHE A 254 5.54 13.68 -12.56
CA PHE A 254 5.72 12.45 -13.40
C PHE A 254 7.21 12.15 -13.54
N VAL A 255 7.60 10.87 -13.51
CA VAL A 255 9.00 10.43 -13.73
C VAL A 255 8.99 9.37 -14.82
N GLU A 256 9.80 9.52 -15.87
CA GLU A 256 9.87 8.53 -16.96
C GLU A 256 10.13 7.14 -16.35
N THR A 257 9.50 6.07 -16.87
CA THR A 257 9.77 4.69 -16.38
C THR A 257 11.26 4.37 -16.59
N GLN A 258 11.87 4.90 -17.64
CA GLN A 258 13.34 4.80 -17.83
C GLN A 258 14.11 5.19 -16.56
N ASN A 259 13.69 6.27 -15.90
CA ASN A 259 14.47 6.90 -14.79
C ASN A 259 14.07 6.28 -13.43
N VAL A 260 12.91 5.61 -13.34
CA VAL A 260 12.45 4.95 -12.08
C VAL A 260 13.43 3.84 -11.69
N ARG A 261 14.01 3.16 -12.66
CA ARG A 261 15.09 2.15 -12.46
C ARG A 261 16.15 2.64 -11.46
N ARG A 262 16.60 3.89 -11.50
CA ARG A 262 17.73 4.35 -10.63
C ARG A 262 17.22 5.35 -9.58
N LEU A 263 15.92 5.39 -9.32
CA LEU A 263 15.36 6.39 -8.38
C LEU A 263 16.01 6.29 -6.99
N PRO A 264 16.31 5.09 -6.44
CA PRO A 264 16.96 5.00 -5.13
C PRO A 264 18.34 5.67 -5.03
N GLU A 265 18.93 6.04 -6.18
CA GLU A 265 20.24 6.75 -6.24
C GLU A 265 20.03 8.27 -6.36
N THR A 266 18.78 8.75 -6.42
CA THR A 266 18.46 10.20 -6.60
C THR A 266 18.18 10.91 -5.27
N GLU A 267 18.19 12.25 -5.29
CA GLU A 267 17.77 13.10 -4.14
C GLU A 267 16.27 12.92 -3.88
N MET A 268 15.48 12.46 -4.87
CA MET A 268 14.02 12.23 -4.69
C MET A 268 13.80 11.15 -3.61
N TRP A 269 14.70 10.17 -3.53
CA TRP A 269 14.50 8.95 -2.68
C TRP A 269 14.26 9.36 -1.21
N ALA A 270 15.04 10.31 -0.69
CA ALA A 270 14.90 10.81 0.70
C ALA A 270 13.55 11.51 0.93
N GLU A 271 12.83 11.93 -0.11
CA GLU A 271 11.54 12.63 0.06
C GLU A 271 10.34 11.67 -0.07
N LEU A 272 10.57 10.40 -0.42
CA LEU A 272 9.47 9.41 -0.63
C LEU A 272 9.05 8.81 0.71
N CYS A 273 7.77 8.80 1.02
CA CYS A 273 7.23 8.05 2.18
C CYS A 273 7.43 6.54 1.98
N PRO A 274 7.57 5.78 3.09
CA PRO A 274 7.93 4.36 3.01
C PRO A 274 7.03 3.51 2.10
N SER A 275 5.72 3.74 2.11
CA SER A 275 4.79 2.95 1.28
C SER A 275 5.01 3.25 -0.21
N ALA A 276 5.32 4.50 -0.58
CA ALA A 276 5.69 4.83 -1.97
C ALA A 276 7.04 4.18 -2.31
N LYS A 277 8.00 4.15 -1.40
CA LYS A 277 9.29 3.42 -1.66
C LYS A 277 8.99 1.94 -1.95
N GLY A 278 8.06 1.33 -1.19
CA GLY A 278 7.58 -0.04 -1.41
C GLY A 278 7.04 -0.28 -2.82
N ALA A 279 6.18 0.63 -3.31
CA ALA A 279 5.58 0.57 -4.66
C ALA A 279 6.70 0.61 -5.71
N ILE A 280 7.70 1.49 -5.53
CA ILE A 280 8.76 1.67 -6.57
C ILE A 280 9.72 0.47 -6.56
N ILE A 281 10.12 -0.05 -5.40
CA ILE A 281 11.00 -1.27 -5.33
C ILE A 281 10.31 -2.44 -6.02
N LEU A 282 9.01 -2.66 -5.74
CA LEU A 282 8.25 -3.79 -6.33
C LEU A 282 8.04 -3.57 -7.84
N TYR A 283 7.73 -2.35 -8.32
CA TYR A 283 7.66 -2.04 -9.77
C TYR A 283 8.99 -2.43 -10.43
N ASN A 284 10.10 -2.02 -9.85
CA ASN A 284 11.45 -2.28 -10.45
C ASN A 284 11.75 -3.79 -10.49
N ARG A 285 11.39 -4.57 -9.47
CA ARG A 285 11.72 -6.02 -9.43
C ARG A 285 10.75 -6.87 -10.25
N VAL A 286 9.47 -6.47 -10.31
CA VAL A 286 8.38 -7.32 -10.87
C VAL A 286 8.01 -6.88 -12.28
N GLN A 287 7.84 -5.58 -12.57
CA GLN A 287 7.55 -5.11 -13.96
C GLN A 287 8.85 -4.77 -14.72
N GLY A 288 9.80 -4.11 -14.09
CA GLY A 288 11.16 -3.96 -14.65
C GLY A 288 11.91 -5.28 -14.52
N SER A 289 13.26 -5.24 -14.57
CA SER A 289 14.15 -6.42 -14.39
C SER A 289 13.70 -7.54 -15.35
N PRO A 290 13.92 -7.36 -16.68
CA PRO A 290 13.52 -8.37 -17.66
C PRO A 290 14.35 -9.66 -17.55
N THR A 291 13.77 -10.78 -17.98
CA THR A 291 14.35 -12.14 -17.86
C THR A 291 14.74 -12.70 -19.24
N GLY A 292 14.26 -12.13 -20.35
CA GLY A 292 14.44 -12.70 -21.71
C GLY A 292 15.59 -12.08 -22.48
N ALA A 293 16.02 -12.70 -23.58
CA ALA A 293 17.20 -12.29 -24.40
C ALA A 293 16.97 -10.90 -25.01
N ALA A 294 15.78 -10.65 -25.59
CA ALA A 294 15.43 -9.39 -26.27
C ALA A 294 15.51 -8.18 -25.32
N LEU A 295 14.67 -8.10 -24.27
CA LEU A 295 14.64 -6.91 -23.35
C LEU A 295 15.91 -6.84 -22.50
N GLY A 296 16.60 -7.98 -22.31
CA GLY A 296 17.84 -8.10 -21.52
C GLY A 296 19.10 -7.73 -22.31
N SER A 297 19.01 -7.53 -23.61
CA SER A 297 20.12 -7.05 -24.49
C SER A 297 20.68 -5.69 -24.05
N PRO A 298 22.03 -5.47 -24.07
CA PRO A 298 22.65 -4.22 -23.59
C PRO A 298 22.08 -2.86 -24.08
N ALA A 299 21.68 -2.74 -25.34
CA ALA A 299 21.10 -1.48 -25.87
C ALA A 299 19.75 -1.18 -25.19
N LEU A 300 18.97 -2.22 -24.85
CA LEU A 300 17.65 -2.05 -24.17
C LEU A 300 17.79 -2.11 -22.64
N LEU A 301 18.80 -2.77 -22.08
CA LEU A 301 19.02 -2.80 -20.61
C LEU A 301 20.43 -2.33 -20.32
N PRO A 302 20.67 -1.01 -20.36
CA PRO A 302 22.03 -0.46 -20.26
C PRO A 302 22.69 -0.84 -18.93
N PRO A 303 23.94 -1.34 -18.93
CA PRO A 303 24.63 -1.71 -17.68
C PRO A 303 24.82 -0.52 -16.71
N LEU A 304 24.50 -0.70 -15.42
CA LEU A 304 24.97 0.12 -14.27
C LEU A 304 23.86 1.10 -13.82
N1 S2V B . -12.18 14.85 7.06
C4 S2V B . -11.34 12.90 9.06
C5 S2V B . -12.64 12.75 8.31
C6 S2V B . -13.19 14.10 7.89
C7 S2V B . -11.53 10.66 9.88
C8 S2V B . -11.56 9.37 9.14
C10 S2V B . -11.65 8.15 7.08
C13 S2V B . -11.54 8.19 9.85
C1 S2V B . -12.01 14.23 5.72
C11 S2V B . -11.64 6.96 7.79
C12 S2V B . -11.57 7.01 9.15
C2 S2V B . -10.89 15.01 7.78
C3 S2V B . -10.33 13.68 8.26
C9 S2V B . -11.62 9.36 7.75
F1 S2V B . -11.55 5.85 9.85
O1 S2V B . -10.77 11.58 9.26
O2 S2V B . -12.12 10.87 10.92
S DMS C . 1.00 22.95 2.10
O DMS C . 0.41 23.73 0.96
C1 DMS C . 2.64 22.59 1.58
C2 DMS C . 1.39 24.12 3.37
S DMS D . -11.83 -0.90 -15.21
O DMS D . -12.39 -0.30 -16.47
C1 DMS D . -10.98 0.41 -14.39
C2 DMS D . -13.19 -1.08 -14.07
S DMS E . 5.57 -17.61 26.23
O DMS E . 5.95 -18.77 25.34
C1 DMS E . 3.82 -17.59 26.26
C2 DMS E . 5.82 -18.14 27.90
S DMS F . 0.90 5.04 -0.46
O DMS F . 0.80 5.04 1.05
C1 DMS F . 1.23 3.36 -0.96
C2 DMS F . -0.76 5.17 -1.03
#